data_8UAC
#
_entry.id   8UAC
#
_cell.length_a   45.880
_cell.length_b   76.460
_cell.length_c   102.730
_cell.angle_alpha   90.000
_cell.angle_beta   90.000
_cell.angle_gamma   90.000
#
_symmetry.space_group_name_H-M   'P 21 21 21'
#
loop_
_entity.id
_entity.type
_entity.pdbx_description
1 polymer 'Cathepsin L'
2 non-polymer N-[(2S)-1-({(2S)-1-hydroxy-3-[(3S)-2-oxopyrrolidin-3-yl]propan-2-yl}amino)-4-methyl-1-oxopentan-2-yl]-1H-indole-2-carboxamide
3 water water
#
_entity_poly.entity_id   1
_entity_poly.type   'polypeptide(L)'
_entity_poly.pdbx_seq_one_letter_code
;APRSVDWREKGYVTPVKNQGQCGSCWAFSATGALEGQMFRKTGRLISLSEQNLVDCSGPQGNEGCNGGLMDYAFQYVQDN
GGLDSEESYPYEATEESCKYNPKYSVANDTGFVDIPKQEKALMKAVATVGPISVAIDAGHESFLFYKEGIYFEPDCSSED
MDHGVLVVGYGFESTESDNNKYWLVKNSWGEEWGMGGYVKMAKDRRNHCGIASAASYPTV
;
_entity_poly.pdbx_strand_id   A,B
#
loop_
_chem_comp.id
_chem_comp.type
_chem_comp.name
_chem_comp.formula
W28 non-polymer N-[(2S)-1-({(2S)-1-hydroxy-3-[(3S)-2-oxopyrrolidin-3-yl]propan-2-yl}amino)-4-methyl-1-oxopentan-2-yl]-1H-indole-2-carboxamide 'C22 H30 N4 O4'
#
# COMPACT_ATOMS: atom_id res chain seq x y z
N ALA A 1 4.16 -24.66 29.07
CA ALA A 1 3.63 -23.89 27.93
C ALA A 1 3.66 -24.78 26.69
N PRO A 2 2.95 -24.44 25.61
CA PRO A 2 3.00 -25.28 24.42
C PRO A 2 4.43 -25.23 23.89
N ARG A 3 4.88 -26.32 23.27
CA ARG A 3 6.27 -26.36 22.71
C ARG A 3 6.29 -25.64 21.36
N SER A 4 5.12 -25.42 20.77
CA SER A 4 5.01 -24.75 19.48
C SER A 4 3.76 -23.89 19.45
N VAL A 5 3.88 -22.73 18.78
CA VAL A 5 2.81 -21.74 18.61
C VAL A 5 2.93 -21.13 17.23
N ASP A 6 1.83 -20.97 16.49
CA ASP A 6 1.84 -20.23 15.23
C ASP A 6 0.51 -19.51 15.11
N TRP A 7 0.53 -18.22 15.44
CA TRP A 7 -0.68 -17.42 15.42
C TRP A 7 -1.22 -17.23 14.02
N ARG A 8 -0.39 -17.47 12.99
CA ARG A 8 -0.84 -17.30 11.61
C ARG A 8 -1.98 -18.24 11.29
N GLU A 9 -1.91 -19.45 11.84
CA GLU A 9 -2.90 -20.48 11.55
C GLU A 9 -4.24 -20.10 12.15
N LYS A 10 -4.20 -19.22 13.17
CA LYS A 10 -5.33 -18.86 14.02
C LYS A 10 -5.97 -17.52 13.62
N GLY A 11 -5.52 -16.89 12.52
CA GLY A 11 -6.21 -15.74 11.96
C GLY A 11 -5.74 -14.38 12.47
N TYR A 12 -4.65 -14.35 13.26
CA TYR A 12 -4.19 -13.14 13.92
C TYR A 12 -3.25 -12.30 13.07
N VAL A 13 -2.83 -12.77 11.88
CA VAL A 13 -1.72 -12.16 11.18
C VAL A 13 -2.08 -11.85 9.73
N THR A 14 -1.84 -10.63 9.33
CA THR A 14 -2.05 -10.22 7.94
C THR A 14 -0.90 -10.70 7.08
N PRO A 15 -1.08 -10.70 5.74
CA PRO A 15 0.02 -10.98 4.83
C PRO A 15 1.22 -10.07 5.04
N VAL A 16 2.38 -10.58 4.62
CA VAL A 16 3.63 -9.84 4.68
C VAL A 16 3.53 -8.59 3.81
N LYS A 17 4.04 -7.48 4.36
CA LYS A 17 4.07 -6.19 3.69
C LYS A 17 5.52 -5.80 3.42
N ASN A 18 5.72 -4.67 2.77
CA ASN A 18 7.05 -4.30 2.28
C ASN A 18 7.31 -2.83 2.56
N GLN A 19 8.30 -2.53 3.43
CA GLN A 19 8.59 -1.17 3.81
C GLN A 19 9.19 -0.35 2.66
N GLY A 20 9.69 -1.00 1.61
CA GLY A 20 10.33 -0.25 0.55
C GLY A 20 11.56 0.46 1.13
N GLN A 21 11.90 1.57 0.47
CA GLN A 21 13.13 2.28 0.79
C GLN A 21 12.80 3.33 1.84
N CYS A 22 12.56 2.91 3.11
CA CYS A 22 12.11 3.79 4.18
C CYS A 22 12.36 3.04 5.50
N GLY A 23 12.95 3.70 6.49
CA GLY A 23 13.24 3.02 7.75
C GLY A 23 12.02 3.00 8.67
N SER A 24 10.96 2.34 8.19
CA SER A 24 9.68 2.30 8.89
C SER A 24 9.40 0.93 9.51
N CYS A 25 10.41 0.08 9.68
CA CYS A 25 10.28 -1.24 10.31
C CYS A 25 9.42 -1.18 11.58
N TRP A 26 9.69 -0.19 12.44
CA TRP A 26 9.00 0.02 13.69
C TRP A 26 7.50 0.19 13.50
N ALA A 27 7.07 0.78 12.37
CA ALA A 27 5.66 1.02 12.13
C ALA A 27 4.98 -0.29 11.73
N PHE A 28 5.69 -1.13 10.99
CA PHE A 28 5.17 -2.43 10.53
C PHE A 28 5.06 -3.37 11.74
N SER A 29 6.09 -3.34 12.61
CA SER A 29 6.11 -4.10 13.84
C SER A 29 4.88 -3.74 14.68
N ALA A 30 4.64 -2.44 14.84
CA ALA A 30 3.56 -1.93 15.68
C ALA A 30 2.21 -2.31 15.06
N THR A 31 2.02 -2.10 13.75
CA THR A 31 0.75 -2.46 13.15
C THR A 31 0.51 -3.96 13.22
N GLY A 32 1.53 -4.79 13.10
CA GLY A 32 1.35 -6.22 13.24
C GLY A 32 0.86 -6.61 14.63
N ALA A 33 1.44 -5.99 15.66
CA ALA A 33 1.03 -6.35 17.02
C ALA A 33 -0.38 -5.83 17.29
N LEU A 34 -0.74 -4.69 16.76
CA LEU A 34 -2.08 -4.18 17.01
CA LEU A 34 -2.07 -4.15 16.96
C LEU A 34 -3.09 -4.98 16.17
N GLU A 35 -2.77 -5.38 14.94
CA GLU A 35 -3.64 -6.24 14.13
C GLU A 35 -4.01 -7.49 14.90
N GLY A 36 -2.99 -8.07 15.55
CA GLY A 36 -3.15 -9.24 16.39
C GLY A 36 -4.09 -8.99 17.57
N GLN A 37 -3.90 -7.89 18.32
CA GLN A 37 -4.70 -7.63 19.51
C GLN A 37 -6.10 -7.19 19.12
N MET A 38 -6.28 -6.48 18.01
CA MET A 38 -7.64 -6.14 17.58
C MET A 38 -8.41 -7.40 17.12
N PHE A 39 -7.72 -8.38 16.50
CA PHE A 39 -8.36 -9.63 16.14
C PHE A 39 -8.79 -10.42 17.37
N ARG A 40 -7.92 -10.48 18.37
CA ARG A 40 -8.19 -11.13 19.64
C ARG A 40 -9.47 -10.57 20.21
N LYS A 41 -9.62 -9.24 20.17
CA LYS A 41 -10.74 -8.56 20.76
C LYS A 41 -12.01 -8.75 19.93
N THR A 42 -11.96 -8.51 18.61
CA THR A 42 -13.14 -8.31 17.76
C THR A 42 -13.41 -9.50 16.86
N GLY A 43 -12.41 -10.38 16.67
CA GLY A 43 -12.55 -11.43 15.68
C GLY A 43 -12.45 -10.96 14.23
N ARG A 44 -12.04 -9.71 13.96
CA ARG A 44 -11.86 -9.22 12.61
C ARG A 44 -10.38 -8.88 12.42
N LEU A 45 -9.81 -9.38 11.32
CA LEU A 45 -8.44 -9.10 10.96
C LEU A 45 -8.50 -7.98 9.94
N ILE A 46 -7.98 -6.80 10.31
CA ILE A 46 -7.99 -5.68 9.38
CA ILE A 46 -8.02 -5.62 9.44
C ILE A 46 -6.60 -5.06 9.33
N SER A 47 -6.06 -5.00 8.12
CA SER A 47 -4.76 -4.38 7.90
C SER A 47 -4.75 -2.91 8.31
N LEU A 48 -3.74 -2.51 9.11
CA LEU A 48 -3.70 -1.17 9.68
C LEU A 48 -2.63 -0.32 8.98
N SER A 49 -2.75 1.01 9.09
CA SER A 49 -1.96 1.95 8.30
C SER A 49 -0.62 2.28 8.94
N GLU A 50 0.46 1.76 8.35
CA GLU A 50 1.77 2.21 8.76
C GLU A 50 2.01 3.67 8.37
N GLN A 51 1.42 4.13 7.25
CA GLN A 51 1.60 5.51 6.84
C GLN A 51 1.12 6.46 7.93
N ASN A 52 0.00 6.13 8.57
CA ASN A 52 -0.59 6.94 9.61
C ASN A 52 0.43 7.10 10.74
N LEU A 53 1.12 6.00 11.09
CA LEU A 53 2.12 6.06 12.14
C LEU A 53 3.30 6.91 11.68
N VAL A 54 3.81 6.64 10.48
CA VAL A 54 4.95 7.36 9.95
C VAL A 54 4.69 8.87 9.93
N ASP A 55 3.51 9.26 9.48
CA ASP A 55 3.21 10.68 9.30
C ASP A 55 2.84 11.42 10.57
N CYS A 56 2.26 10.71 11.57
CA CYS A 56 1.62 11.39 12.69
C CYS A 56 2.26 11.22 14.09
N SER A 57 3.23 10.31 14.26
CA SER A 57 3.72 9.96 15.60
C SER A 57 5.04 10.65 15.97
N GLY A 58 5.35 11.78 15.33
CA GLY A 58 6.48 12.62 15.74
C GLY A 58 6.39 13.09 17.18
N PRO A 59 5.25 13.59 17.64
CA PRO A 59 5.16 14.10 19.02
C PRO A 59 5.54 13.05 20.07
N GLN A 60 5.33 11.77 19.76
CA GLN A 60 5.59 10.68 20.69
C GLN A 60 7.04 10.21 20.62
N GLY A 61 7.83 10.75 19.67
CA GLY A 61 9.26 10.53 19.58
C GLY A 61 9.72 9.85 18.30
N ASN A 62 8.80 9.51 17.38
CA ASN A 62 9.16 8.77 16.18
C ASN A 62 9.72 9.73 15.10
N GLU A 63 10.58 9.21 14.20
CA GLU A 63 11.22 10.02 13.16
C GLU A 63 10.94 9.52 11.76
N GLY A 64 9.73 9.00 11.53
CA GLY A 64 9.31 8.63 10.19
C GLY A 64 10.17 7.54 9.57
N CYS A 65 10.69 7.86 8.38
CA CYS A 65 11.52 6.95 7.63
C CYS A 65 12.93 6.94 8.19
N ASN A 66 13.21 7.79 9.19
CA ASN A 66 14.53 7.83 9.81
C ASN A 66 14.58 6.98 11.09
N GLY A 67 13.46 6.32 11.41
CA GLY A 67 13.47 5.41 12.52
C GLY A 67 12.43 5.74 13.59
N GLY A 68 12.29 4.81 14.53
CA GLY A 68 11.29 4.95 15.56
C GLY A 68 11.16 3.71 16.41
N LEU A 69 10.18 3.73 17.33
CA LEU A 69 9.98 2.66 18.31
C LEU A 69 8.51 2.24 18.34
N MET A 70 8.28 0.93 18.43
CA MET A 70 6.92 0.41 18.53
C MET A 70 6.23 1.01 19.73
N ASP A 71 6.91 1.15 20.89
CA ASP A 71 6.17 1.72 22.02
C ASP A 71 5.71 3.14 21.77
N TYR A 72 6.52 3.94 21.07
CA TYR A 72 6.11 5.30 20.69
C TYR A 72 4.91 5.22 19.77
N ALA A 73 4.83 4.20 18.90
CA ALA A 73 3.68 4.05 18.02
C ALA A 73 2.41 3.66 18.80
N PHE A 74 2.55 2.76 19.77
CA PHE A 74 1.43 2.41 20.62
C PHE A 74 0.96 3.63 21.41
N GLN A 75 1.88 4.48 21.84
CA GLN A 75 1.48 5.64 22.62
C GLN A 75 0.69 6.58 21.72
N TYR A 76 1.14 6.73 20.46
CA TYR A 76 0.43 7.55 19.51
C TYR A 76 -1.02 7.12 19.34
N VAL A 77 -1.25 5.82 19.20
CA VAL A 77 -2.61 5.36 18.93
CA VAL A 77 -2.62 5.41 18.91
C VAL A 77 -3.47 5.67 20.15
N GLN A 78 -2.90 5.50 21.35
CA GLN A 78 -3.64 5.87 22.55
C GLN A 78 -3.94 7.38 22.59
N ASP A 79 -2.91 8.20 22.37
CA ASP A 79 -3.02 9.67 22.40
C ASP A 79 -4.05 10.15 21.37
N ASN A 80 -4.03 9.49 20.21
CA ASN A 80 -4.80 9.88 19.03
C ASN A 80 -6.26 9.40 19.12
N GLY A 81 -6.46 8.33 19.87
CA GLY A 81 -7.75 7.69 20.07
C GLY A 81 -8.21 6.90 18.85
N GLY A 82 -7.24 6.51 18.01
CA GLY A 82 -7.57 5.74 16.83
C GLY A 82 -6.37 5.54 15.89
N LEU A 83 -6.57 4.70 14.87
CA LEU A 83 -5.61 4.44 13.79
C LEU A 83 -6.38 4.00 12.55
N ASP A 84 -6.06 4.62 11.42
CA ASP A 84 -6.74 4.33 10.16
C ASP A 84 -6.38 2.97 9.62
N SER A 85 -7.28 2.39 8.81
CA SER A 85 -6.99 1.18 8.06
C SER A 85 -5.95 1.45 6.99
N GLU A 86 -5.21 0.39 6.60
CA GLU A 86 -4.31 0.44 5.46
C GLU A 86 -5.05 0.89 4.19
N GLU A 87 -6.27 0.39 3.98
CA GLU A 87 -6.96 0.59 2.74
C GLU A 87 -7.33 2.08 2.61
N SER A 88 -7.57 2.76 3.74
CA SER A 88 -7.96 4.16 3.71
C SER A 88 -6.76 5.09 3.70
N TYR A 89 -5.61 4.66 4.23
CA TYR A 89 -4.45 5.53 4.39
C TYR A 89 -3.22 4.73 3.95
N PRO A 90 -3.05 4.56 2.64
CA PRO A 90 -2.10 3.59 2.10
C PRO A 90 -0.62 3.97 2.27
N TYR A 91 0.25 2.95 2.35
CA TYR A 91 1.68 3.13 2.51
C TYR A 91 2.38 3.68 1.27
N GLU A 92 3.16 4.75 1.45
CA GLU A 92 3.84 5.41 0.31
C GLU A 92 5.37 5.43 0.51
N ALA A 93 5.89 4.81 1.57
CA ALA A 93 7.33 4.69 1.75
C ALA A 93 8.03 6.06 1.79
N THR A 94 7.36 7.06 2.34
CA THR A 94 7.96 8.38 2.55
C THR A 94 7.18 8.97 3.72
N GLU A 95 7.53 10.19 4.12
CA GLU A 95 6.78 10.89 5.15
C GLU A 95 5.91 11.96 4.50
N GLU A 96 4.63 11.99 4.83
CA GLU A 96 3.71 13.00 4.37
C GLU A 96 3.16 13.80 5.55
N SER A 97 2.35 14.84 5.25
CA SER A 97 1.59 15.50 6.31
C SER A 97 0.65 14.49 6.95
N CYS A 98 0.40 14.64 8.23
CA CYS A 98 -0.58 13.83 8.93
C CYS A 98 -1.96 14.03 8.30
N LYS A 99 -2.56 12.93 7.85
CA LYS A 99 -3.87 12.95 7.26
C LYS A 99 -4.81 12.01 8.02
N TYR A 100 -4.54 11.77 9.32
CA TYR A 100 -5.43 10.95 10.10
C TYR A 100 -6.87 11.44 9.93
N ASN A 101 -7.80 10.51 9.68
CA ASN A 101 -9.22 10.85 9.64
C ASN A 101 -9.99 9.83 10.48
N PRO A 102 -10.65 10.27 11.59
CA PRO A 102 -11.37 9.35 12.46
C PRO A 102 -12.44 8.53 11.74
N LYS A 103 -12.93 9.02 10.61
CA LYS A 103 -13.88 8.28 9.82
C LYS A 103 -13.41 6.86 9.55
N TYR A 104 -12.11 6.70 9.27
CA TYR A 104 -11.55 5.44 8.83
C TYR A 104 -10.77 4.75 9.94
N SER A 105 -10.95 5.18 11.19
CA SER A 105 -10.31 4.53 12.32
C SER A 105 -10.93 3.15 12.49
N VAL A 106 -10.07 2.14 12.65
CA VAL A 106 -10.52 0.77 12.86
C VAL A 106 -9.75 0.09 13.98
N ALA A 107 -8.94 0.79 14.75
CA ALA A 107 -8.20 0.21 15.83
C ALA A 107 -7.97 1.27 16.90
N ASN A 108 -7.66 0.83 18.11
CA ASN A 108 -7.32 1.77 19.16
C ASN A 108 -6.46 1.01 20.14
N ASP A 109 -5.89 1.71 21.12
CA ASP A 109 -5.22 0.97 22.17
C ASP A 109 -5.24 1.82 23.43
N THR A 110 -4.95 1.14 24.53
CA THR A 110 -5.13 1.64 25.89
C THR A 110 -3.80 1.71 26.62
N GLY A 111 -2.70 1.55 25.89
CA GLY A 111 -1.38 1.44 26.48
C GLY A 111 -0.60 0.29 25.85
N PHE A 112 0.46 -0.09 26.55
CA PHE A 112 1.32 -1.18 26.11
C PHE A 112 2.01 -1.75 27.33
N VAL A 113 2.55 -2.94 27.13
CA VAL A 113 3.30 -3.68 28.12
C VAL A 113 4.66 -4.01 27.54
N ASP A 114 5.71 -3.64 28.29
CA ASP A 114 7.08 -4.02 28.03
C ASP A 114 7.38 -5.34 28.73
N ILE A 115 7.79 -6.34 27.94
CA ILE A 115 8.07 -7.68 28.44
C ILE A 115 9.44 -7.70 29.08
N PRO A 116 9.62 -8.42 30.22
CA PRO A 116 10.93 -8.58 30.83
C PRO A 116 11.93 -9.10 29.80
N LYS A 117 13.19 -8.69 29.95
CA LYS A 117 14.25 -9.01 29.01
C LYS A 117 14.72 -10.45 29.24
N GLN A 118 13.79 -11.38 29.01
CA GLN A 118 14.04 -12.79 29.19
C GLN A 118 13.34 -13.56 28.08
N GLU A 119 14.02 -14.53 27.46
CA GLU A 119 13.36 -15.33 26.45
C GLU A 119 12.20 -16.13 27.04
N LYS A 120 12.30 -16.55 28.32
CA LYS A 120 11.19 -17.26 28.94
C LYS A 120 9.92 -16.41 29.02
N ALA A 121 10.11 -15.14 29.41
CA ALA A 121 8.99 -14.21 29.49
C ALA A 121 8.41 -13.96 28.11
N LEU A 122 9.27 -13.79 27.10
CA LEU A 122 8.78 -13.59 25.74
C LEU A 122 7.96 -14.80 25.32
N MET A 123 8.44 -16.01 25.60
CA MET A 123 7.72 -17.21 25.24
C MET A 123 6.33 -17.22 25.87
N LYS A 124 6.28 -16.91 27.17
CA LYS A 124 4.97 -16.87 27.87
C LYS A 124 4.06 -15.86 27.16
N ALA A 125 4.61 -14.69 26.80
CA ALA A 125 3.78 -13.65 26.22
C ALA A 125 3.27 -14.08 24.86
N VAL A 126 4.14 -14.68 24.05
CA VAL A 126 3.68 -15.17 22.75
C VAL A 126 2.57 -16.20 22.92
N ALA A 127 2.71 -17.09 23.91
CA ALA A 127 1.72 -18.14 24.08
C ALA A 127 0.37 -17.60 24.55
N THR A 128 0.37 -16.52 25.34
CA THR A 128 -0.81 -16.12 26.07
C THR A 128 -1.48 -14.92 25.42
N VAL A 129 -0.71 -14.09 24.71
CA VAL A 129 -1.21 -12.77 24.29
C VAL A 129 -1.51 -12.81 22.79
N GLY A 130 -0.56 -13.34 22.01
CA GLY A 130 -0.61 -13.15 20.59
C GLY A 130 0.74 -12.69 20.01
N PRO A 131 0.76 -12.27 18.75
CA PRO A 131 1.98 -11.70 18.16
C PRO A 131 2.56 -10.54 18.98
N ILE A 132 3.90 -10.49 19.07
CA ILE A 132 4.59 -9.55 19.96
C ILE A 132 5.60 -8.74 19.14
N SER A 133 5.64 -7.42 19.34
CA SER A 133 6.64 -6.57 18.71
C SER A 133 7.99 -6.75 19.38
N VAL A 134 9.06 -6.94 18.59
CA VAL A 134 10.43 -7.12 19.06
C VAL A 134 11.43 -6.37 18.20
N ALA A 135 12.52 -5.97 18.84
CA ALA A 135 13.67 -5.41 18.16
C ALA A 135 14.76 -6.49 18.02
N ILE A 136 15.38 -6.55 16.84
CA ILE A 136 16.49 -7.47 16.63
C ILE A 136 17.67 -6.73 16.03
N ASP A 137 18.83 -7.36 16.12
CA ASP A 137 19.96 -6.98 15.29
C ASP A 137 19.80 -7.71 13.96
N ALA A 138 19.48 -6.98 12.89
CA ALA A 138 19.23 -7.52 11.56
C ALA A 138 20.36 -7.13 10.60
N GLY A 139 21.41 -6.46 11.11
CA GLY A 139 22.39 -5.79 10.27
C GLY A 139 23.56 -6.74 9.93
N HIS A 140 23.25 -7.89 9.34
CA HIS A 140 24.27 -8.81 8.89
C HIS A 140 23.86 -9.44 7.56
N GLU A 141 24.87 -9.68 6.70
CA GLU A 141 24.62 -10.24 5.38
C GLU A 141 23.87 -11.58 5.49
N SER A 142 24.16 -12.44 6.48
CA SER A 142 23.47 -13.71 6.67
C SER A 142 21.95 -13.52 6.78
N PHE A 143 21.51 -12.39 7.33
CA PHE A 143 20.09 -12.07 7.46
C PHE A 143 19.50 -11.65 6.11
N LEU A 144 20.19 -10.84 5.27
CA LEU A 144 19.69 -10.53 3.92
C LEU A 144 19.44 -11.80 3.11
N PHE A 145 20.35 -12.74 3.25
CA PHE A 145 20.42 -13.90 2.40
C PHE A 145 19.69 -15.07 3.05
N TYR A 146 19.03 -14.85 4.21
CA TYR A 146 18.31 -15.94 4.85
C TYR A 146 17.27 -16.56 3.91
N LYS A 147 17.26 -17.90 3.81
CA LYS A 147 16.23 -18.58 3.03
C LYS A 147 15.49 -19.67 3.83
N GLU A 148 16.17 -20.40 4.70
CA GLU A 148 15.52 -21.53 5.34
C GLU A 148 16.32 -21.95 6.58
N GLY A 149 15.68 -22.81 7.36
CA GLY A 149 16.26 -23.29 8.61
C GLY A 149 16.27 -22.24 9.72
N ILE A 150 16.96 -22.56 10.82
CA ILE A 150 17.07 -21.70 11.97
C ILE A 150 18.26 -20.78 11.79
N TYR A 151 17.99 -19.47 11.80
CA TYR A 151 18.98 -18.43 11.65
C TYR A 151 19.79 -18.26 12.94
N PHE A 152 21.11 -18.34 12.79
CA PHE A 152 22.05 -18.02 13.87
C PHE A 152 23.23 -17.32 13.21
N GLU A 153 23.66 -16.21 13.80
CA GLU A 153 24.75 -15.39 13.27
C GLU A 153 25.69 -15.14 14.43
N PRO A 154 26.90 -15.75 14.44
CA PRO A 154 27.80 -15.57 15.58
C PRO A 154 28.16 -14.13 15.88
N ASP A 155 27.94 -13.22 14.91
CA ASP A 155 28.32 -11.83 15.14
C ASP A 155 27.09 -10.98 15.50
N CYS A 156 25.96 -11.63 15.80
CA CYS A 156 24.75 -10.94 16.23
C CYS A 156 24.97 -10.34 17.62
N SER A 157 24.43 -9.14 17.83
CA SER A 157 24.41 -8.51 19.14
C SER A 157 23.10 -8.76 19.86
N SER A 158 23.20 -8.96 21.19
CA SER A 158 22.03 -9.09 22.06
C SER A 158 21.67 -7.72 22.67
N GLU A 159 22.49 -6.69 22.39
CA GLU A 159 22.34 -5.38 23.02
C GLU A 159 22.05 -4.26 22.00
N ASP A 160 22.56 -4.39 20.77
CA ASP A 160 22.48 -3.32 19.79
C ASP A 160 21.55 -3.69 18.64
N MET A 161 20.25 -3.53 18.86
CA MET A 161 19.23 -3.89 17.86
C MET A 161 18.95 -2.67 16.97
N ASP A 162 18.54 -2.91 15.73
CA ASP A 162 18.33 -1.88 14.75
C ASP A 162 17.09 -2.12 13.91
N HIS A 163 16.30 -3.18 14.20
CA HIS A 163 15.23 -3.57 13.28
C HIS A 163 14.02 -4.01 14.11
N GLY A 164 12.84 -3.46 13.83
CA GLY A 164 11.63 -3.85 14.52
C GLY A 164 10.91 -4.93 13.70
N VAL A 165 10.49 -6.03 14.32
CA VAL A 165 9.80 -7.13 13.64
C VAL A 165 8.70 -7.66 14.56
N LEU A 166 8.06 -8.75 14.15
CA LEU A 166 6.93 -9.28 14.90
C LEU A 166 7.12 -10.79 15.10
N VAL A 167 7.10 -11.23 16.37
CA VAL A 167 7.13 -12.65 16.66
C VAL A 167 5.70 -13.14 16.63
N VAL A 168 5.45 -14.13 15.76
CA VAL A 168 4.12 -14.68 15.60
C VAL A 168 4.02 -16.09 16.16
N GLY A 169 5.12 -16.62 16.69
CA GLY A 169 5.10 -17.97 17.20
C GLY A 169 6.52 -18.43 17.50
N TYR A 170 6.61 -19.75 17.68
CA TYR A 170 7.87 -20.37 18.03
C TYR A 170 7.69 -21.86 17.84
N GLY A 171 8.81 -22.59 17.84
CA GLY A 171 8.71 -24.03 17.77
C GLY A 171 10.09 -24.66 17.67
N PHE A 172 10.14 -25.79 17.01
CA PHE A 172 11.37 -26.57 16.97
C PHE A 172 11.44 -27.39 15.68
N GLU A 173 12.66 -27.76 15.30
CA GLU A 173 12.87 -28.64 14.16
C GLU A 173 12.80 -30.09 14.62
N SER A 174 12.01 -30.90 13.91
CA SER A 174 11.86 -32.32 14.22
C SER A 174 13.22 -33.03 14.15
N ASN A 180 16.81 -27.40 19.23
CA ASN A 180 16.85 -26.71 17.91
C ASN A 180 15.55 -25.91 17.77
N LYS A 181 15.42 -24.98 18.69
CA LYS A 181 14.24 -24.14 18.86
C LYS A 181 14.38 -22.83 18.12
N TYR A 182 13.24 -22.27 17.73
CA TYR A 182 13.22 -21.03 16.99
C TYR A 182 11.99 -20.20 17.33
N TRP A 183 12.16 -18.89 17.15
CA TRP A 183 11.08 -17.92 17.08
C TRP A 183 10.63 -17.79 15.63
N LEU A 184 9.31 -17.70 15.43
CA LEU A 184 8.78 -17.44 14.09
CA LEU A 184 8.81 -17.45 14.09
C LEU A 184 8.60 -15.94 13.97
N VAL A 185 9.31 -15.31 13.05
CA VAL A 185 9.37 -13.86 12.96
C VAL A 185 8.85 -13.39 11.61
N LYS A 186 7.90 -12.45 11.63
CA LYS A 186 7.40 -11.82 10.42
C LYS A 186 8.21 -10.56 10.16
N ASN A 187 8.81 -10.43 8.98
CA ASN A 187 9.55 -9.23 8.60
C ASN A 187 8.67 -8.35 7.73
N SER A 188 9.20 -7.19 7.31
CA SER A 188 8.49 -6.27 6.43
C SER A 188 9.33 -5.91 5.21
N TRP A 189 9.98 -6.96 4.66
CA TRP A 189 10.79 -6.80 3.46
C TRP A 189 10.14 -7.53 2.27
N GLY A 190 8.84 -7.74 2.35
CA GLY A 190 8.14 -8.39 1.24
C GLY A 190 8.18 -9.89 1.33
N GLU A 191 7.33 -10.52 0.51
CA GLU A 191 7.18 -11.99 0.62
C GLU A 191 8.33 -12.71 -0.09
N GLU A 192 9.05 -11.97 -0.94
CA GLU A 192 10.16 -12.59 -1.67
C GLU A 192 11.37 -12.84 -0.75
N TRP A 193 11.48 -12.08 0.34
CA TRP A 193 12.61 -12.22 1.26
C TRP A 193 12.36 -13.41 2.15
N GLY A 194 13.41 -14.15 2.48
CA GLY A 194 13.33 -15.16 3.51
C GLY A 194 12.34 -16.26 3.14
N MET A 195 11.61 -16.82 4.11
CA MET A 195 10.66 -17.89 3.85
C MET A 195 9.29 -17.26 3.79
N GLY A 196 8.89 -16.82 2.58
CA GLY A 196 7.61 -16.16 2.44
C GLY A 196 7.55 -14.85 3.22
N GLY A 197 8.72 -14.22 3.49
CA GLY A 197 8.78 -12.98 4.26
C GLY A 197 9.05 -13.19 5.77
N TYR A 198 9.24 -14.46 6.13
CA TYR A 198 9.45 -14.81 7.56
C TYR A 198 10.82 -15.39 7.76
N VAL A 199 11.23 -15.47 9.02
CA VAL A 199 12.51 -16.06 9.39
C VAL A 199 12.34 -16.80 10.71
N LYS A 200 12.94 -17.97 10.79
CA LYS A 200 13.02 -18.72 12.03
C LYS A 200 14.31 -18.34 12.71
N MET A 201 14.23 -17.61 13.81
CA MET A 201 15.43 -17.17 14.51
C MET A 201 15.69 -18.01 15.76
N ALA A 202 16.95 -18.26 16.03
CA ALA A 202 17.36 -19.12 17.12
C ALA A 202 16.73 -18.70 18.43
N LYS A 203 16.06 -19.65 19.09
CA LYS A 203 15.42 -19.44 20.37
C LYS A 203 16.19 -20.19 21.48
N ASP A 204 16.30 -19.52 22.64
CA ASP A 204 16.94 -20.04 23.85
C ASP A 204 18.42 -20.31 23.55
N ARG A 205 19.01 -19.37 22.82
CA ARG A 205 20.43 -19.38 22.50
C ARG A 205 20.99 -18.01 22.89
N ARG A 206 20.99 -17.75 24.20
CA ARG A 206 21.60 -16.50 24.73
C ARG A 206 20.93 -15.28 24.11
N ASN A 207 19.59 -15.25 24.08
CA ASN A 207 18.90 -14.06 23.62
C ASN A 207 19.49 -13.61 22.29
N HIS A 208 19.46 -14.51 21.31
CA HIS A 208 20.18 -14.30 20.07
C HIS A 208 19.60 -13.12 19.27
N CYS A 209 20.49 -12.23 18.84
CA CYS A 209 20.18 -11.01 18.11
C CYS A 209 19.28 -10.07 18.89
N GLY A 210 19.19 -10.27 20.21
CA GLY A 210 18.51 -9.33 21.09
C GLY A 210 16.99 -9.42 21.07
N ILE A 211 16.46 -10.55 20.61
CA ILE A 211 15.01 -10.65 20.38
C ILE A 211 14.14 -10.45 21.61
N ALA A 212 14.68 -10.72 22.81
CA ALA A 212 13.88 -10.50 24.02
C ALA A 212 14.26 -9.19 24.74
N SER A 213 15.16 -8.37 24.18
CA SER A 213 15.68 -7.17 24.85
C SER A 213 14.72 -5.98 24.83
N ALA A 214 13.84 -5.90 23.84
CA ALA A 214 12.92 -4.75 23.74
C ALA A 214 11.60 -5.20 23.13
N ALA A 215 10.95 -6.13 23.80
CA ALA A 215 9.71 -6.73 23.33
C ALA A 215 8.52 -6.08 24.04
N SER A 216 7.46 -5.88 23.26
CA SER A 216 6.27 -5.26 23.81
C SER A 216 5.03 -5.57 23.00
N TYR A 217 3.87 -5.25 23.58
CA TYR A 217 2.61 -5.40 22.87
C TYR A 217 1.62 -4.34 23.38
N PRO A 218 0.64 -3.94 22.54
CA PRO A 218 -0.37 -2.98 22.92
C PRO A 218 -1.48 -3.66 23.71
N THR A 219 -2.09 -2.90 24.62
CA THR A 219 -3.31 -3.33 25.27
C THR A 219 -4.47 -2.70 24.53
N VAL A 220 -5.63 -3.38 24.44
CA VAL A 220 -6.76 -2.84 23.68
C VAL A 220 -8.10 -2.99 24.43
N ALA B 1 -6.83 -16.29 -9.90
CA ALA B 1 -6.40 -14.94 -9.45
C ALA B 1 -6.62 -14.77 -7.95
N PRO B 2 -5.94 -13.80 -7.30
CA PRO B 2 -6.22 -13.49 -5.91
C PRO B 2 -7.62 -12.89 -5.76
N ARG B 3 -8.17 -12.98 -4.56
CA ARG B 3 -9.51 -12.40 -4.32
C ARG B 3 -9.35 -10.91 -3.96
N SER B 4 -8.14 -10.51 -3.58
CA SER B 4 -7.86 -9.12 -3.23
C SER B 4 -6.51 -8.71 -3.85
N VAL B 5 -6.45 -7.50 -4.41
CA VAL B 5 -5.22 -6.92 -4.99
C VAL B 5 -5.21 -5.44 -4.61
N ASP B 6 -4.06 -4.88 -4.19
CA ASP B 6 -3.93 -3.44 -3.98
C ASP B 6 -2.49 -3.05 -4.29
N TRP B 7 -2.32 -2.45 -5.47
CA TRP B 7 -1.00 -2.13 -5.98
C TRP B 7 -0.39 -0.96 -5.22
N ARG B 8 -1.20 -0.22 -4.44
CA ARG B 8 -0.66 0.92 -3.71
C ARG B 8 0.40 0.53 -2.69
N GLU B 9 0.21 -0.62 -2.04
CA GLU B 9 1.14 -1.02 -0.99
C GLU B 9 2.41 -1.59 -1.60
N LYS B 10 2.43 -1.84 -2.93
CA LYS B 10 3.55 -2.47 -3.62
C LYS B 10 4.37 -1.44 -4.40
N GLY B 11 4.00 -0.15 -4.30
CA GLY B 11 4.87 0.92 -4.77
C GLY B 11 4.58 1.38 -6.20
N TYR B 12 3.45 0.93 -6.73
CA TYR B 12 3.07 1.25 -8.09
C TYR B 12 2.28 2.55 -8.28
N VAL B 13 1.88 3.22 -7.19
CA VAL B 13 0.90 4.30 -7.29
C VAL B 13 1.38 5.55 -6.59
N THR B 14 1.26 6.69 -7.29
CA THR B 14 1.62 7.99 -6.76
C THR B 14 0.47 8.47 -5.88
N PRO B 15 0.72 9.50 -5.04
CA PRO B 15 -0.37 10.12 -4.28
C PRO B 15 -1.43 10.68 -5.20
N VAL B 16 -2.61 10.86 -4.62
CA VAL B 16 -3.75 11.41 -5.32
C VAL B 16 -3.48 12.84 -5.74
N LYS B 17 -3.92 13.15 -6.98
CA LYS B 17 -3.75 14.44 -7.59
C LYS B 17 -5.12 15.09 -7.74
N ASN B 18 -5.11 16.34 -8.19
CA ASN B 18 -6.35 17.12 -8.33
C ASN B 18 -6.34 17.84 -9.66
N GLN B 19 -7.26 17.48 -10.53
CA GLN B 19 -7.35 18.07 -11.84
C GLN B 19 -7.83 19.53 -11.78
N GLY B 20 -8.47 19.96 -10.68
CA GLY B 20 -9.00 21.33 -10.59
C GLY B 20 -10.10 21.51 -11.63
N GLN B 21 -10.26 22.74 -12.15
CA GLN B 21 -11.41 23.03 -13.01
C GLN B 21 -11.03 22.90 -14.48
N CYS B 22 -10.84 21.64 -14.87
CA CYS B 22 -10.32 21.26 -16.18
C CYS B 22 -10.73 19.82 -16.40
N GLY B 23 -11.28 19.51 -17.59
CA GLY B 23 -11.75 18.17 -17.94
C GLY B 23 -10.58 17.30 -18.39
N SER B 24 -9.60 17.12 -17.48
CA SER B 24 -8.35 16.44 -17.79
C SER B 24 -8.24 15.07 -17.13
N CYS B 25 -9.36 14.55 -16.61
CA CYS B 25 -9.44 13.22 -16.01
C CYS B 25 -8.62 12.21 -16.82
N TRP B 26 -8.84 12.18 -18.14
CA TRP B 26 -8.16 11.25 -19.03
C TRP B 26 -6.64 11.30 -18.92
N ALA B 27 -6.09 12.47 -18.61
CA ALA B 27 -4.65 12.65 -18.54
C ALA B 27 -4.13 12.08 -17.22
N PHE B 28 -4.89 12.24 -16.16
CA PHE B 28 -4.52 11.70 -14.85
C PHE B 28 -4.62 10.19 -14.83
N SER B 29 -5.63 9.68 -15.55
CA SER B 29 -5.77 8.25 -15.68
C SER B 29 -4.57 7.70 -16.44
N ALA B 30 -4.25 8.34 -17.56
CA ALA B 30 -3.13 7.87 -18.36
C ALA B 30 -1.80 7.92 -17.63
N THR B 31 -1.49 9.03 -16.98
CA THR B 31 -0.27 9.13 -16.20
C THR B 31 -0.24 8.08 -15.09
N GLY B 32 -1.39 7.77 -14.51
CA GLY B 32 -1.41 6.76 -13.46
C GLY B 32 -1.00 5.39 -14.00
N ALA B 33 -1.54 5.05 -15.17
CA ALA B 33 -1.29 3.73 -15.72
C ALA B 33 0.17 3.63 -16.15
N LEU B 34 0.70 4.73 -16.67
CA LEU B 34 2.09 4.74 -17.08
CA LEU B 34 2.09 4.80 -17.07
C LEU B 34 3.04 4.79 -15.88
N GLU B 35 2.69 5.48 -14.79
CA GLU B 35 3.50 5.48 -13.57
C GLU B 35 3.60 4.04 -13.06
N GLY B 36 2.49 3.28 -13.12
CA GLY B 36 2.54 1.90 -12.70
C GLY B 36 3.41 1.05 -13.63
N GLN B 37 3.27 1.20 -14.97
CA GLN B 37 4.05 0.31 -15.84
C GLN B 37 5.53 0.68 -15.85
N MET B 38 5.86 1.96 -15.67
CA MET B 38 7.24 2.38 -15.57
C MET B 38 7.82 1.85 -14.26
N PHE B 39 7.01 1.76 -13.20
CA PHE B 39 7.50 1.17 -11.96
C PHE B 39 7.76 -0.32 -12.13
N ARG B 40 6.85 -1.02 -12.78
CA ARG B 40 7.01 -2.43 -13.11
C ARG B 40 8.31 -2.67 -13.86
N LYS B 41 8.64 -1.82 -14.85
CA LYS B 41 9.80 -2.04 -15.69
C LYS B 41 11.07 -1.64 -14.96
N THR B 42 11.05 -0.55 -14.18
CA THR B 42 12.30 0.05 -13.69
C THR B 42 12.48 0.05 -12.18
N GLY B 43 11.40 -0.13 -11.41
CA GLY B 43 11.48 -0.05 -9.96
C GLY B 43 11.47 1.38 -9.42
N ARG B 44 11.30 2.36 -10.32
CA ARG B 44 11.28 3.75 -9.90
C ARG B 44 9.86 4.28 -10.13
N LEU B 45 9.28 4.90 -9.08
CA LEU B 45 7.97 5.55 -9.15
C LEU B 45 8.20 7.05 -9.28
N ILE B 46 7.86 7.60 -10.46
CA ILE B 46 8.08 8.99 -10.75
C ILE B 46 6.76 9.56 -11.30
N SER B 47 6.28 10.60 -10.66
CA SER B 47 5.08 11.27 -11.09
C SER B 47 5.27 11.93 -12.44
N LEU B 48 4.36 11.64 -13.35
CA LEU B 48 4.39 12.11 -14.72
C LEU B 48 3.50 13.32 -14.95
N SER B 49 3.77 14.01 -16.06
CA SER B 49 3.17 15.30 -16.36
C SER B 49 1.86 15.14 -17.11
N GLU B 50 0.76 15.44 -16.42
CA GLU B 50 -0.54 15.56 -17.07
C GLU B 50 -0.55 16.77 -17.98
N GLN B 51 0.11 17.86 -17.57
CA GLN B 51 0.12 19.05 -18.40
C GLN B 51 0.75 18.78 -19.77
N ASN B 52 1.79 17.95 -19.81
CA ASN B 52 2.41 17.58 -21.07
C ASN B 52 1.38 16.90 -21.98
N LEU B 53 0.54 16.02 -21.42
CA LEU B 53 -0.49 15.40 -22.23
C LEU B 53 -1.52 16.43 -22.68
N VAL B 54 -1.99 17.27 -21.77
CA VAL B 54 -3.01 18.26 -22.07
C VAL B 54 -2.54 19.15 -23.21
N ASP B 55 -1.31 19.62 -23.15
CA ASP B 55 -0.78 20.61 -24.08
C ASP B 55 -0.50 19.99 -25.44
N CYS B 56 -0.06 18.73 -25.47
CA CYS B 56 0.65 18.25 -26.64
C CYS B 56 -0.06 17.13 -27.37
N SER B 57 -1.09 16.48 -26.81
CA SER B 57 -1.65 15.29 -27.45
C SER B 57 -2.89 15.58 -28.33
N GLY B 58 -3.01 16.82 -28.82
CA GLY B 58 -4.02 17.20 -29.80
C GLY B 58 -3.97 16.41 -31.10
N PRO B 59 -2.76 16.17 -31.67
CA PRO B 59 -2.63 15.40 -32.90
C PRO B 59 -3.15 13.97 -32.82
N GLN B 60 -3.12 13.38 -31.61
CA GLN B 60 -3.57 12.03 -31.36
C GLN B 60 -5.06 12.02 -31.02
N GLY B 61 -5.69 13.20 -30.91
CA GLY B 61 -7.14 13.31 -30.83
C GLY B 61 -7.67 13.99 -29.57
N ASN B 62 -6.76 14.30 -28.62
CA ASN B 62 -7.23 14.84 -27.35
C ASN B 62 -7.54 16.33 -27.47
N GLU B 63 -8.42 16.80 -26.56
CA GLU B 63 -8.96 18.16 -26.55
C GLU B 63 -8.69 18.86 -25.22
N GLY B 64 -7.53 18.56 -24.61
CA GLY B 64 -7.10 19.27 -23.40
C GLY B 64 -8.14 19.25 -22.29
N CYS B 65 -8.54 20.43 -21.80
CA CYS B 65 -9.48 20.54 -20.68
C CYS B 65 -10.90 20.25 -21.12
N ASN B 66 -11.11 20.03 -22.44
CA ASN B 66 -12.42 19.72 -22.98
C ASN B 66 -12.59 18.24 -23.25
N GLY B 67 -11.66 17.42 -22.79
CA GLY B 67 -11.86 15.99 -22.82
C GLY B 67 -10.80 15.28 -23.65
N GLY B 68 -10.76 13.95 -23.49
CA GLY B 68 -9.72 13.15 -24.12
C GLY B 68 -9.89 11.68 -23.73
N LEU B 69 -8.98 10.84 -24.22
CA LEU B 69 -9.05 9.42 -23.98
C LEU B 69 -7.65 8.94 -23.64
N MET B 70 -7.60 7.97 -22.73
CA MET B 70 -6.33 7.45 -22.27
C MET B 70 -5.53 6.84 -23.43
N ASP B 71 -6.21 6.13 -24.36
CA ASP B 71 -5.48 5.49 -25.44
C ASP B 71 -4.81 6.52 -26.36
N TYR B 72 -5.44 7.69 -26.50
CA TYR B 72 -4.87 8.76 -27.31
C TYR B 72 -3.65 9.33 -26.60
N ALA B 73 -3.67 9.33 -25.27
CA ALA B 73 -2.51 9.77 -24.52
C ALA B 73 -1.36 8.76 -24.66
N PHE B 74 -1.68 7.44 -24.61
CA PHE B 74 -0.65 6.42 -24.77
C PHE B 74 -0.10 6.51 -26.19
N GLN B 75 -0.95 6.80 -27.16
CA GLN B 75 -0.45 6.96 -28.54
C GLN B 75 0.50 8.16 -28.65
N TYR B 76 0.17 9.26 -27.96
CA TYR B 76 1.06 10.40 -27.96
C TYR B 76 2.43 10.02 -27.41
N VAL B 77 2.49 9.35 -26.25
CA VAL B 77 3.77 9.08 -25.64
CA VAL B 77 3.80 9.10 -25.65
C VAL B 77 4.61 8.23 -26.61
N GLN B 78 3.94 7.29 -27.29
CA GLN B 78 4.64 6.44 -28.26
C GLN B 78 5.22 7.30 -29.39
N ASP B 79 4.33 8.08 -30.04
CA ASP B 79 4.66 8.89 -31.21
C ASP B 79 5.78 9.87 -30.88
N ASN B 80 5.73 10.39 -29.65
CA ASN B 80 6.58 11.45 -29.16
C ASN B 80 7.96 10.95 -28.69
N GLY B 81 8.02 9.65 -28.36
CA GLY B 81 9.20 9.03 -27.82
C GLY B 81 9.45 9.40 -26.37
N GLY B 82 8.45 9.94 -25.66
CA GLY B 82 8.73 10.28 -24.27
C GLY B 82 7.60 11.08 -23.61
N LEU B 83 7.76 11.29 -22.30
CA LEU B 83 6.84 12.09 -21.48
C LEU B 83 7.65 12.69 -20.34
N ASP B 84 7.47 13.98 -20.11
CA ASP B 84 8.20 14.68 -19.07
C ASP B 84 7.63 14.33 -17.70
N SER B 85 8.48 14.53 -16.69
CA SER B 85 8.08 14.33 -15.31
C SER B 85 7.13 15.42 -14.84
N GLU B 86 6.31 15.13 -13.85
CA GLU B 86 5.48 16.16 -13.26
C GLU B 86 6.32 17.35 -12.78
N GLU B 87 7.42 17.06 -12.11
CA GLU B 87 8.19 18.11 -11.48
C GLU B 87 8.76 19.05 -12.55
N SER B 88 9.14 18.54 -13.72
CA SER B 88 9.67 19.35 -14.80
C SER B 88 8.61 20.15 -15.54
N TYR B 89 7.39 19.61 -15.64
CA TYR B 89 6.35 20.17 -16.50
C TYR B 89 5.06 20.17 -15.68
N PRO B 90 4.97 21.15 -14.76
CA PRO B 90 3.90 21.20 -13.76
C PRO B 90 2.50 21.47 -14.31
N TYR B 91 1.51 21.07 -13.52
CA TYR B 91 0.13 21.08 -13.95
C TYR B 91 -0.46 22.47 -13.71
N GLU B 92 -1.15 23.03 -14.70
CA GLU B 92 -1.71 24.38 -14.58
C GLU B 92 -3.24 24.38 -14.67
N ALA B 93 -3.89 23.22 -14.87
CA ALA B 93 -5.34 23.12 -15.04
C ALA B 93 -5.86 24.03 -16.15
N THR B 94 -5.09 24.21 -17.22
CA THR B 94 -5.53 24.95 -18.39
C THR B 94 -4.63 24.49 -19.53
N GLU B 95 -5.01 24.76 -20.79
CA GLU B 95 -4.20 24.34 -21.93
C GLU B 95 -3.17 25.42 -22.26
N GLU B 96 -1.91 25.00 -22.42
CA GLU B 96 -0.83 25.91 -22.79
C GLU B 96 -0.28 25.46 -24.14
N SER B 97 0.68 26.19 -24.69
CA SER B 97 1.50 25.68 -25.79
C SER B 97 2.28 24.43 -25.36
N CYS B 98 2.59 23.58 -26.34
CA CYS B 98 3.38 22.39 -26.09
C CYS B 98 4.80 22.81 -25.72
N LYS B 99 5.25 22.43 -24.50
CA LYS B 99 6.57 22.73 -24.02
C LYS B 99 7.35 21.44 -23.74
N TYR B 100 6.94 20.34 -24.39
CA TYR B 100 7.69 19.09 -24.23
C TYR B 100 9.20 19.27 -24.48
N ASN B 101 10.02 18.75 -23.56
CA ASN B 101 11.46 18.81 -23.66
C ASN B 101 12.05 17.44 -23.36
N PRO B 102 12.71 16.74 -24.31
CA PRO B 102 13.24 15.40 -24.06
C PRO B 102 14.24 15.30 -22.92
N LYS B 103 14.94 16.39 -22.59
CA LYS B 103 15.85 16.37 -21.47
C LYS B 103 15.15 15.82 -20.21
N TYR B 104 13.85 16.12 -20.05
CA TYR B 104 13.12 15.79 -18.83
C TYR B 104 12.20 14.60 -19.02
N SER B 105 12.29 13.89 -20.14
CA SER B 105 11.48 12.70 -20.34
C SER B 105 11.91 11.64 -19.34
N VAL B 106 10.92 11.01 -18.70
CA VAL B 106 11.21 9.95 -17.76
C VAL B 106 10.34 8.73 -18.00
N ALA B 107 9.51 8.74 -19.05
CA ALA B 107 8.66 7.61 -19.39
C ALA B 107 8.59 7.46 -20.90
N ASN B 108 8.24 6.27 -21.34
CA ASN B 108 8.04 5.96 -22.75
C ASN B 108 6.98 4.89 -22.82
N ASP B 109 6.48 4.59 -24.01
CA ASP B 109 5.75 3.36 -24.18
C ASP B 109 5.98 2.88 -25.61
N THR B 110 5.59 1.64 -25.85
CA THR B 110 5.83 0.99 -27.11
C THR B 110 4.52 0.75 -27.85
N GLY B 111 3.40 1.17 -27.24
CA GLY B 111 2.08 0.71 -27.63
C GLY B 111 1.16 0.68 -26.42
N PHE B 112 0.01 0.06 -26.58
CA PHE B 112 -0.94 -0.07 -25.48
C PHE B 112 -1.93 -1.18 -25.83
N VAL B 113 -2.51 -1.77 -24.78
CA VAL B 113 -3.42 -2.88 -24.93
C VAL B 113 -4.79 -2.46 -24.47
N ASP B 114 -5.83 -2.79 -25.24
CA ASP B 114 -7.22 -2.69 -24.79
C ASP B 114 -7.61 -4.04 -24.19
N ILE B 115 -8.30 -3.97 -23.04
CA ILE B 115 -8.68 -5.17 -22.33
C ILE B 115 -10.04 -5.59 -22.83
N PRO B 116 -10.25 -6.92 -23.00
CA PRO B 116 -11.58 -7.43 -23.32
C PRO B 116 -12.65 -6.76 -22.45
N LYS B 117 -13.83 -6.54 -23.03
CA LYS B 117 -14.84 -5.69 -22.43
C LYS B 117 -15.73 -6.52 -21.50
N GLN B 118 -15.08 -7.14 -20.51
CA GLN B 118 -15.72 -7.97 -19.48
C GLN B 118 -15.00 -7.75 -18.15
N GLU B 119 -15.74 -7.74 -17.05
CA GLU B 119 -15.14 -7.60 -15.71
C GLU B 119 -14.19 -8.75 -15.38
N LYS B 120 -14.42 -9.95 -15.94
CA LYS B 120 -13.49 -11.03 -15.68
C LYS B 120 -12.12 -10.74 -16.28
N ALA B 121 -12.10 -10.17 -17.49
CA ALA B 121 -10.83 -9.85 -18.13
C ALA B 121 -10.15 -8.68 -17.43
N LEU B 122 -10.95 -7.72 -16.91
CA LEU B 122 -10.39 -6.61 -16.16
C LEU B 122 -9.69 -7.13 -14.91
N MET B 123 -10.31 -8.12 -14.24
CA MET B 123 -9.77 -8.64 -12.99
C MET B 123 -8.41 -9.29 -13.23
N LYS B 124 -8.31 -10.07 -14.32
CA LYS B 124 -7.10 -10.73 -14.75
C LYS B 124 -6.01 -9.71 -15.07
N ALA B 125 -6.36 -8.62 -15.76
CA ALA B 125 -5.38 -7.57 -16.04
C ALA B 125 -4.89 -6.91 -14.76
N VAL B 126 -5.81 -6.55 -13.86
CA VAL B 126 -5.38 -5.88 -12.65
C VAL B 126 -4.44 -6.78 -11.87
N ALA B 127 -4.77 -8.09 -11.83
CA ALA B 127 -3.97 -9.01 -11.03
C ALA B 127 -2.57 -9.22 -11.62
N THR B 128 -2.45 -9.16 -12.96
CA THR B 128 -1.21 -9.56 -13.62
C THR B 128 -0.38 -8.38 -14.15
N VAL B 129 -1.02 -7.23 -14.42
CA VAL B 129 -0.37 -6.13 -15.12
C VAL B 129 0.01 -5.02 -14.15
N GLY B 130 -0.96 -4.58 -13.34
CA GLY B 130 -0.79 -3.40 -12.52
C GLY B 130 -2.04 -2.54 -12.61
N PRO B 131 -1.92 -1.25 -12.18
CA PRO B 131 -3.03 -0.31 -12.32
C PRO B 131 -3.46 -0.18 -13.79
N ILE B 132 -4.78 -0.13 -13.98
CA ILE B 132 -5.41 -0.16 -15.28
C ILE B 132 -6.21 1.14 -15.46
N SER B 133 -6.05 1.80 -16.61
CA SER B 133 -6.93 2.93 -16.97
C SER B 133 -8.33 2.46 -17.36
N VAL B 134 -9.38 3.08 -16.82
CA VAL B 134 -10.76 2.72 -17.11
C VAL B 134 -11.59 3.98 -17.25
N ALA B 135 -12.67 3.86 -18.01
CA ALA B 135 -13.67 4.91 -18.07
C ALA B 135 -14.89 4.47 -17.28
N ILE B 136 -15.51 5.40 -16.55
CA ILE B 136 -16.73 5.15 -15.79
C ILE B 136 -17.76 6.25 -16.05
N ASP B 137 -19.04 5.94 -15.79
CA ASP B 137 -20.08 6.94 -15.68
C ASP B 137 -20.00 7.50 -14.26
N ALA B 138 -19.47 8.73 -14.13
CA ALA B 138 -19.31 9.41 -12.85
C ALA B 138 -20.40 10.47 -12.64
N GLY B 139 -21.32 10.61 -13.60
CA GLY B 139 -22.23 11.75 -13.62
C GLY B 139 -23.51 11.46 -12.86
N HIS B 140 -23.35 11.21 -11.55
CA HIS B 140 -24.44 10.99 -10.63
C HIS B 140 -24.09 11.65 -9.29
N GLU B 141 -25.09 12.20 -8.58
CA GLU B 141 -24.78 12.93 -7.37
C GLU B 141 -24.20 11.99 -6.30
N SER B 142 -24.61 10.72 -6.33
CA SER B 142 -24.15 9.71 -5.39
C SER B 142 -22.64 9.58 -5.43
N PHE B 143 -22.09 9.55 -6.65
CA PHE B 143 -20.67 9.41 -6.88
C PHE B 143 -19.98 10.71 -6.54
N LEU B 144 -20.52 11.79 -7.12
CA LEU B 144 -20.06 13.11 -6.76
C LEU B 144 -19.82 13.17 -5.25
N PHE B 145 -20.70 12.55 -4.41
CA PHE B 145 -20.66 12.71 -2.95
C PHE B 145 -20.33 11.43 -2.13
N TYR B 146 -19.72 10.41 -2.73
CA TYR B 146 -19.26 9.19 -2.04
C TYR B 146 -18.26 9.43 -0.91
N LYS B 147 -18.30 8.62 0.18
CA LYS B 147 -17.34 8.75 1.28
C LYS B 147 -16.78 7.40 1.77
N GLU B 148 -17.57 6.32 1.69
CA GLU B 148 -17.12 5.00 2.15
C GLU B 148 -18.07 3.90 1.69
N GLY B 149 -17.62 2.67 1.92
CA GLY B 149 -18.32 1.48 1.47
C GLY B 149 -18.24 1.27 -0.03
N ILE B 150 -19.07 0.38 -0.53
CA ILE B 150 -19.06 0.01 -1.92
C ILE B 150 -20.08 0.85 -2.65
N TYR B 151 -19.65 1.53 -3.70
CA TYR B 151 -20.47 2.46 -4.45
C TYR B 151 -21.33 1.71 -5.46
N PHE B 152 -22.65 1.91 -5.41
CA PHE B 152 -23.54 1.34 -6.41
C PHE B 152 -24.66 2.34 -6.70
N GLU B 153 -24.81 2.71 -7.98
CA GLU B 153 -25.77 3.72 -8.40
C GLU B 153 -26.69 3.08 -9.44
N PRO B 154 -27.98 2.84 -9.12
CA PRO B 154 -28.91 2.24 -10.08
C PRO B 154 -29.01 2.93 -11.44
N ASP B 155 -28.85 4.27 -11.46
CA ASP B 155 -29.02 5.04 -12.69
C ASP B 155 -27.72 5.13 -13.48
N CYS B 156 -26.66 4.45 -13.00
CA CYS B 156 -25.39 4.41 -13.69
C CYS B 156 -25.55 3.64 -15.01
N SER B 157 -24.82 4.09 -16.03
CA SER B 157 -24.86 3.51 -17.36
C SER B 157 -23.53 2.84 -17.68
N SER B 158 -23.57 1.78 -18.50
CA SER B 158 -22.41 0.98 -18.86
C SER B 158 -21.87 1.34 -20.24
N GLU B 159 -22.43 2.37 -20.87
CA GLU B 159 -21.96 2.77 -22.20
C GLU B 159 -21.87 4.29 -22.32
N ASP B 160 -22.26 5.02 -21.27
CA ASP B 160 -22.22 6.47 -21.27
C ASP B 160 -21.15 6.96 -20.29
N MET B 161 -19.97 6.33 -20.36
CA MET B 161 -18.87 6.71 -19.50
C MET B 161 -18.41 8.12 -19.87
N ASP B 162 -17.97 8.89 -18.86
CA ASP B 162 -17.61 10.27 -19.07
C ASP B 162 -16.42 10.66 -18.19
N HIS B 163 -15.80 9.69 -17.54
CA HIS B 163 -14.76 10.03 -16.57
C HIS B 163 -13.67 8.96 -16.64
N GLY B 164 -12.41 9.38 -16.81
CA GLY B 164 -11.28 8.43 -16.78
C GLY B 164 -10.67 8.37 -15.39
N VAL B 165 -10.41 7.16 -14.92
CA VAL B 165 -9.84 6.92 -13.60
C VAL B 165 -8.93 5.71 -13.67
N LEU B 166 -8.45 5.23 -12.52
CA LEU B 166 -7.41 4.23 -12.51
C LEU B 166 -7.83 3.18 -11.49
N VAL B 167 -7.97 1.93 -11.97
CA VAL B 167 -8.19 0.83 -11.05
C VAL B 167 -6.84 0.36 -10.52
N VAL B 168 -6.66 0.44 -9.21
CA VAL B 168 -5.44 0.04 -8.55
C VAL B 168 -5.55 -1.30 -7.83
N GLY B 169 -6.72 -1.93 -7.90
CA GLY B 169 -6.90 -3.14 -7.15
C GLY B 169 -8.37 -3.51 -7.09
N TYR B 170 -8.64 -4.53 -6.27
CA TYR B 170 -9.97 -5.02 -6.04
C TYR B 170 -9.98 -5.82 -4.74
N GLY B 171 -11.19 -6.03 -4.22
CA GLY B 171 -11.36 -6.91 -3.07
C GLY B 171 -12.82 -7.09 -2.69
N PHE B 172 -13.03 -7.31 -1.39
CA PHE B 172 -14.33 -7.58 -0.83
C PHE B 172 -14.35 -7.07 0.61
N GLU B 173 -15.56 -6.83 1.12
CA GLU B 173 -15.74 -6.36 2.47
C GLU B 173 -15.67 -7.57 3.41
N ASN B 180 -19.66 -9.48 -1.99
CA ASN B 180 -19.72 -8.00 -1.85
C ASN B 180 -18.39 -7.44 -2.30
N LYS B 181 -18.21 -7.37 -3.62
CA LYS B 181 -16.91 -7.14 -4.22
C LYS B 181 -16.83 -5.73 -4.76
N TYR B 182 -15.59 -5.21 -4.86
CA TYR B 182 -15.37 -3.86 -5.35
C TYR B 182 -14.05 -3.78 -6.11
N TRP B 183 -14.04 -2.80 -7.01
CA TRP B 183 -12.83 -2.28 -7.64
C TRP B 183 -12.31 -1.17 -6.75
N LEU B 184 -11.02 -1.11 -6.50
CA LEU B 184 -10.42 0.04 -5.83
C LEU B 184 -9.96 1.03 -6.90
N VAL B 185 -10.49 2.25 -6.86
CA VAL B 185 -10.37 3.17 -7.98
C VAL B 185 -9.79 4.50 -7.45
N LYS B 186 -8.68 4.93 -8.07
CA LYS B 186 -8.01 6.18 -7.79
C LYS B 186 -8.65 7.24 -8.67
N ASN B 187 -9.21 8.27 -8.06
CA ASN B 187 -9.74 9.43 -8.77
C ASN B 187 -8.67 10.54 -8.82
N SER B 188 -9.03 11.67 -9.46
CA SER B 188 -8.18 12.84 -9.57
C SER B 188 -8.93 14.11 -9.12
N TRP B 189 -9.67 13.97 -8.01
CA TRP B 189 -10.43 15.08 -7.46
C TRP B 189 -9.82 15.50 -6.11
N GLY B 190 -8.53 15.19 -5.89
CA GLY B 190 -7.90 15.48 -4.61
C GLY B 190 -8.20 14.45 -3.53
N GLU B 191 -7.46 14.58 -2.43
CA GLU B 191 -7.56 13.62 -1.29
C GLU B 191 -8.78 13.87 -0.40
N GLU B 192 -9.39 15.05 -0.48
CA GLU B 192 -10.55 15.29 0.36
C GLU B 192 -11.77 14.57 -0.19
N TRP B 193 -11.80 14.25 -1.50
CA TRP B 193 -12.91 13.52 -2.05
C TRP B 193 -12.83 12.05 -1.70
N GLY B 194 -13.97 11.46 -1.34
CA GLY B 194 -14.08 10.03 -1.21
C GLY B 194 -13.27 9.52 -0.03
N MET B 195 -12.62 8.38 -0.22
CA MET B 195 -11.78 7.79 0.81
C MET B 195 -10.33 8.10 0.48
N GLY B 196 -9.86 9.24 0.98
CA GLY B 196 -8.51 9.68 0.67
C GLY B 196 -8.30 9.87 -0.83
N GLY B 197 -9.35 10.16 -1.60
CA GLY B 197 -9.20 10.30 -3.05
C GLY B 197 -9.60 9.06 -3.85
N TYR B 198 -9.99 7.97 -3.16
CA TYR B 198 -10.36 6.70 -3.78
C TYR B 198 -11.84 6.38 -3.57
N VAL B 199 -12.31 5.42 -4.38
CA VAL B 199 -13.67 4.92 -4.31
C VAL B 199 -13.62 3.42 -4.52
N LYS B 200 -14.39 2.68 -3.72
CA LYS B 200 -14.62 1.27 -3.95
C LYS B 200 -15.90 1.16 -4.78
N MET B 201 -15.79 0.70 -6.03
CA MET B 201 -16.88 0.63 -6.99
C MET B 201 -17.36 -0.81 -7.11
N ALA B 202 -18.70 -0.98 -7.16
CA ALA B 202 -19.27 -2.31 -7.29
C ALA B 202 -18.60 -3.09 -8.42
N LYS B 203 -18.14 -4.31 -8.09
CA LYS B 203 -17.52 -5.27 -9.01
C LYS B 203 -18.43 -6.49 -9.20
N ASP B 204 -18.51 -6.94 -10.45
CA ASP B 204 -19.33 -8.09 -10.83
C ASP B 204 -20.80 -7.81 -10.56
N ARG B 205 -21.23 -6.59 -10.82
CA ARG B 205 -22.65 -6.25 -10.76
C ARG B 205 -23.01 -5.43 -11.99
N ARG B 206 -23.26 -6.15 -13.10
CA ARG B 206 -23.72 -5.51 -14.36
C ARG B 206 -22.71 -4.45 -14.82
N ASN B 207 -21.44 -4.83 -14.97
CA ASN B 207 -20.44 -3.90 -15.50
C ASN B 207 -20.80 -2.49 -15.02
N HIS B 208 -20.86 -2.33 -13.69
CA HIS B 208 -21.43 -1.16 -13.06
C HIS B 208 -20.63 0.09 -13.46
N CYS B 209 -21.38 1.11 -13.91
CA CYS B 209 -20.88 2.38 -14.39
C CYS B 209 -19.92 2.21 -15.58
N GLY B 210 -19.95 1.03 -16.24
CA GLY B 210 -19.18 0.75 -17.44
C GLY B 210 -17.68 0.58 -17.22
N ILE B 211 -17.31 0.10 -16.02
CA ILE B 211 -15.91 0.09 -15.64
C ILE B 211 -15.06 -0.82 -16.55
N ALA B 212 -15.63 -1.89 -17.15
CA ALA B 212 -14.82 -2.76 -17.99
C ALA B 212 -15.01 -2.45 -19.49
N SER B 213 -15.77 -1.39 -19.81
CA SER B 213 -16.14 -1.07 -21.19
C SER B 213 -15.00 -0.49 -22.01
N ALA B 214 -14.04 0.19 -21.37
CA ALA B 214 -13.00 0.92 -22.08
C ALA B 214 -11.73 0.97 -21.23
N ALA B 215 -11.20 -0.21 -20.93
CA ALA B 215 -10.03 -0.35 -20.09
C ALA B 215 -8.81 -0.61 -20.95
N SER B 216 -7.67 -0.08 -20.52
CA SER B 216 -6.45 -0.23 -21.26
C SER B 216 -5.25 0.06 -20.39
N TYR B 217 -4.08 -0.37 -20.87
CA TYR B 217 -2.85 -0.02 -20.21
C TYR B 217 -1.74 0.12 -21.24
N PRO B 218 -0.69 0.89 -20.95
CA PRO B 218 0.42 1.07 -21.89
C PRO B 218 1.37 -0.12 -21.79
N THR B 219 2.00 -0.47 -22.91
CA THR B 219 3.09 -1.43 -22.88
C THR B 219 4.39 -0.64 -22.88
N VAL B 220 5.30 -1.00 -21.98
CA VAL B 220 6.51 -0.20 -21.83
C VAL B 220 7.72 -1.06 -22.19
C01 W28 C . 12.91 -1.16 17.38
C02 W28 C . 14.06 -0.31 16.89
C03 W28 C . 15.39 -0.95 17.16
C04 W28 C . 13.86 0.07 15.44
C05 W28 C . 14.80 1.18 14.96
N06 W28 C . 14.79 2.37 15.78
C07 W28 C . 15.56 3.42 15.46
O08 W28 C . 16.45 3.35 14.61
C09 W28 C . 15.34 4.73 16.07
C10 W28 C . 15.81 5.95 15.68
C11 W28 C . 15.31 6.91 16.59
C12 W28 C . 15.45 8.31 16.72
C13 W28 C . 14.79 8.94 17.76
C14 W28 C . 14.03 8.22 18.68
C15 W28 C . 13.88 6.85 18.58
C16 W28 C . 14.53 6.21 17.53
N17 W28 C . 14.55 4.88 17.18
C18 W28 C . 14.40 1.48 13.53
O19 W28 C . 13.59 2.37 13.30
N20 W28 C . 14.98 0.73 12.59
C21 W28 C . 14.70 0.89 11.17
C22 W28 C . 16.00 1.14 10.40
C23 W28 C . 16.82 2.36 10.82
C24 W28 C . 16.13 3.69 10.58
C25 W28 C . 17.22 4.59 9.99
N26 W28 C . 18.27 3.68 9.56
C27 W28 C . 18.13 2.44 10.02
O28 W28 C . 18.91 1.50 9.80
C29 W28 C . 14.04 -0.32 10.53
O30 W28 C . 13.34 0.06 9.36
C01 W28 D . -12.43 8.04 -20.72
C02 W28 D . -13.38 9.14 -21.17
C03 W28 D . -14.83 8.78 -20.94
C04 W28 D . -13.12 10.48 -20.49
C05 W28 D . -13.89 11.67 -21.06
N06 W28 D . -13.73 11.81 -22.50
C07 W28 D . -14.40 12.72 -23.23
O08 W28 D . -15.29 13.45 -22.78
C09 W28 D . -13.90 12.88 -24.59
C10 W28 D . -13.11 12.09 -25.36
C11 W28 D . -12.88 12.76 -26.59
C12 W28 D . -12.15 12.46 -27.76
C13 W28 D . -12.14 13.38 -28.77
C14 W28 D . -12.84 14.59 -28.67
C15 W28 D . -13.58 14.91 -27.57
C16 W28 D . -13.59 13.99 -26.51
N17 W28 D . -14.20 14.04 -25.29
C18 W28 D . -13.35 12.94 -20.42
O19 W28 D . -12.39 13.56 -20.89
N20 W28 D . -13.95 13.28 -19.28
C21 W28 D . -13.51 14.44 -18.51
C22 W28 D . -14.69 15.40 -18.32
C23 W28 D . -15.41 15.87 -19.59
C24 W28 D . -14.58 16.74 -20.53
C25 W28 D . -15.26 18.11 -20.45
N26 W28 D . -16.60 17.79 -19.97
C27 W28 D . -16.62 16.72 -19.21
O28 W28 D . -17.42 16.48 -18.26
C29 W28 D . -12.97 14.16 -17.12
O30 W28 D . -12.13 15.21 -16.68
#